data_4P96
#
_entry.id   4P96
#
_cell.length_a   87.480
_cell.length_b   87.480
_cell.length_c   81.430
_cell.angle_alpha   90.000
_cell.angle_beta   90.000
_cell.angle_gamma   90.000
#
_symmetry.space_group_name_H-M   'P 41'
#
loop_
_entity.id
_entity.type
_entity.pdbx_description
1 polymer 'Fatty acid metabolism regulator protein'
2 water water
#
_entity_poly.entity_id   1
_entity_poly.type   'polypeptide(L)'
_entity_poly.pdbx_seq_one_letter_code
;MVIKAKSPAGFAEKYIIESIWNGRFPPGSILPAERELSELIGVTRTTLREVLQRLARDGWLTIQHGKPTKVNQFMETSGL
HILDTLMTLDAENATSIVEDLLAARTNISPIFMRYAFKLNKESAERIMINVIESCEALVNAPSWDAFIAASPYAEKIQQH
VKEDSEKDELKRQEILIAKTFNFYDYMLFQRLAFHSGNQIYGLIFNGLKKLYDRVGSYYFSNPQARELAMEFYRQLLAVC
QSGEREHLPQVIRQYGIASGHIWNQMKMTLPSNFTEDDC
;
_entity_poly.pdbx_strand_id   A,B
#
# COMPACT_ATOMS: atom_id res chain seq x y z
N VAL A 2 -4.56 -20.56 -17.47
CA VAL A 2 -3.89 -21.50 -16.58
C VAL A 2 -3.60 -20.82 -15.25
N ILE A 3 -3.53 -21.61 -14.18
CA ILE A 3 -3.28 -21.08 -12.84
C ILE A 3 -2.03 -21.70 -12.25
N LYS A 4 -1.15 -20.85 -11.71
CA LYS A 4 0.03 -21.32 -11.03
C LYS A 4 -0.13 -21.07 -9.54
N ALA A 5 0.12 -22.11 -8.74
CA ALA A 5 -0.05 -22.02 -7.30
C ALA A 5 0.70 -23.14 -6.61
N LYS A 6 0.92 -22.99 -5.31
CA LYS A 6 1.67 -23.96 -4.53
C LYS A 6 0.76 -24.89 -3.73
N SER A 7 -0.41 -24.40 -3.34
CA SER A 7 -1.33 -25.15 -2.50
C SER A 7 -2.74 -25.15 -3.08
N PRO A 8 -3.60 -26.08 -2.62
CA PRO A 8 -4.99 -26.05 -3.07
C PRO A 8 -5.66 -24.74 -2.66
N ALA A 9 -5.30 -24.23 -1.49
CA ALA A 9 -5.79 -22.93 -1.03
C ALA A 9 -5.31 -21.82 -1.96
N GLY A 10 -4.03 -21.86 -2.32
CA GLY A 10 -3.46 -20.93 -3.28
C GLY A 10 -4.20 -21.03 -4.60
N PHE A 11 -4.48 -22.26 -5.03
CA PHE A 11 -5.24 -22.49 -6.26
C PHE A 11 -6.64 -21.91 -6.18
N ALA A 12 -7.31 -22.18 -5.07
CA ALA A 12 -8.68 -21.74 -4.92
C ALA A 12 -8.76 -20.22 -4.94
N GLU A 13 -7.78 -19.58 -4.30
CA GLU A 13 -7.72 -18.12 -4.26
C GLU A 13 -7.61 -17.53 -5.67
N LYS A 14 -6.70 -18.09 -6.45
CA LYS A 14 -6.48 -17.60 -7.81
C LYS A 14 -7.61 -18.00 -8.77
N TYR A 15 -8.26 -19.13 -8.51
CA TYR A 15 -9.40 -19.55 -9.32
C TYR A 15 -10.51 -18.51 -9.23
N ILE A 16 -10.82 -18.10 -8.01
CA ILE A 16 -11.86 -17.10 -7.78
C ILE A 16 -11.50 -15.75 -8.39
N ILE A 17 -10.25 -15.36 -8.27
CA ILE A 17 -9.77 -14.11 -8.84
C ILE A 17 -9.91 -14.11 -10.36
N GLU A 18 -9.55 -15.23 -10.97
CA GLU A 18 -9.68 -15.40 -12.41
C GLU A 18 -11.14 -15.28 -12.83
N SER A 19 -12.05 -15.81 -12.01
CA SER A 19 -13.49 -15.80 -12.31
C SER A 19 -14.12 -14.42 -12.10
N ILE A 20 -13.57 -13.65 -11.18
CA ILE A 20 -14.00 -12.27 -10.97
C ILE A 20 -13.55 -11.43 -12.16
N TRP A 21 -12.32 -11.70 -12.59
CA TRP A 21 -11.69 -10.94 -13.66
C TRP A 21 -12.37 -11.17 -15.02
N ASN A 22 -12.76 -12.42 -15.27
CA ASN A 22 -13.34 -12.78 -16.57
C ASN A 22 -14.87 -12.73 -16.64
N GLY A 23 -15.51 -12.18 -15.62
CA GLY A 23 -16.96 -12.00 -15.65
C GLY A 23 -17.78 -13.15 -15.09
N ARG A 24 -17.12 -14.27 -14.78
CA ARG A 24 -17.80 -15.42 -14.19
C ARG A 24 -18.43 -15.10 -12.83
N PHE A 25 -17.69 -14.38 -11.99
CA PHE A 25 -18.22 -13.81 -10.76
C PHE A 25 -18.04 -12.31 -10.86
N PRO A 26 -18.96 -11.64 -11.56
CA PRO A 26 -18.80 -10.22 -11.90
C PRO A 26 -18.80 -9.27 -10.70
N PRO A 27 -17.93 -8.26 -10.74
CA PRO A 27 -17.99 -7.13 -9.79
C PRO A 27 -19.40 -6.59 -9.67
N GLY A 28 -19.83 -6.31 -8.43
CA GLY A 28 -21.19 -5.86 -8.17
C GLY A 28 -22.14 -7.02 -7.91
N SER A 29 -21.75 -8.22 -8.33
CA SER A 29 -22.60 -9.39 -8.14
C SER A 29 -22.38 -10.01 -6.76
N ILE A 30 -23.30 -10.90 -6.40
CA ILE A 30 -23.22 -11.63 -5.14
C ILE A 30 -22.50 -12.95 -5.36
N LEU A 31 -21.53 -13.24 -4.49
CA LEU A 31 -20.75 -14.47 -4.62
C LEU A 31 -21.62 -15.65 -4.23
N PRO A 32 -21.57 -16.74 -5.02
CA PRO A 32 -22.36 -17.94 -4.73
C PRO A 32 -22.11 -18.44 -3.30
N ALA A 33 -23.08 -19.16 -2.75
CA ALA A 33 -22.95 -19.65 -1.38
C ALA A 33 -21.72 -20.54 -1.21
N GLU A 34 -21.14 -20.52 -0.02
CA GLU A 34 -19.94 -21.30 0.27
C GLU A 34 -20.10 -22.80 0.01
N ARG A 35 -21.28 -23.32 0.31
CA ARG A 35 -21.59 -24.72 0.04
C ARG A 35 -21.41 -25.06 -1.44
N GLU A 36 -22.01 -24.24 -2.29
CA GLU A 36 -21.94 -24.46 -3.73
C GLU A 36 -20.55 -24.14 -4.26
N LEU A 37 -19.97 -23.05 -3.75
CA LEU A 37 -18.66 -22.60 -4.17
C LEU A 37 -17.62 -23.67 -3.89
N SER A 38 -17.74 -24.31 -2.73
CA SER A 38 -16.87 -25.40 -2.30
C SER A 38 -16.77 -26.53 -3.33
N GLU A 39 -17.92 -27.04 -3.74
CA GLU A 39 -17.97 -28.13 -4.70
C GLU A 39 -17.47 -27.71 -6.08
N LEU A 40 -17.78 -26.47 -6.45
CA LEU A 40 -17.32 -25.88 -7.70
C LEU A 40 -15.80 -25.81 -7.82
N ILE A 41 -15.15 -25.40 -6.75
CA ILE A 41 -13.71 -25.14 -6.77
C ILE A 41 -12.88 -26.32 -6.21
N GLY A 42 -13.54 -27.25 -5.54
CA GLY A 42 -12.86 -28.47 -5.09
C GLY A 42 -12.08 -28.31 -3.81
N VAL A 43 -12.36 -27.24 -3.07
CA VAL A 43 -11.73 -27.03 -1.78
C VAL A 43 -12.76 -27.14 -0.66
N THR A 44 -12.36 -27.77 0.44
CA THR A 44 -13.19 -27.95 1.61
C THR A 44 -13.71 -26.63 2.17
N ARG A 45 -14.81 -26.69 2.92
CA ARG A 45 -15.39 -25.51 3.53
C ARG A 45 -14.37 -24.74 4.37
N THR A 46 -13.52 -25.46 5.10
CA THR A 46 -12.53 -24.81 5.97
C THR A 46 -11.44 -24.11 5.16
N THR A 47 -11.02 -24.73 4.06
CA THR A 47 -10.05 -24.11 3.16
C THR A 47 -10.66 -22.90 2.47
N LEU A 48 -11.92 -23.03 2.06
CA LEU A 48 -12.63 -21.94 1.39
C LEU A 48 -12.74 -20.71 2.29
N ARG A 49 -13.02 -20.93 3.56
CA ARG A 49 -13.18 -19.82 4.51
C ARG A 49 -11.95 -18.94 4.62
N GLU A 50 -10.78 -19.55 4.71
CA GLU A 50 -9.52 -18.81 4.70
C GLU A 50 -9.33 -18.03 3.41
N VAL A 51 -9.68 -18.65 2.29
CA VAL A 51 -9.49 -18.00 1.00
C VAL A 51 -10.38 -16.77 0.87
N LEU A 52 -11.64 -16.90 1.28
CA LEU A 52 -12.57 -15.78 1.17
C LEU A 52 -12.16 -14.63 2.07
N GLN A 53 -11.65 -14.95 3.26
CA GLN A 53 -11.14 -13.93 4.16
C GLN A 53 -9.96 -13.20 3.54
N ARG A 54 -9.03 -13.94 2.95
CA ARG A 54 -7.91 -13.35 2.25
C ARG A 54 -8.37 -12.42 1.12
N LEU A 55 -9.28 -12.90 0.30
CA LEU A 55 -9.79 -12.12 -0.83
C LEU A 55 -10.46 -10.84 -0.34
N ALA A 56 -11.14 -10.92 0.79
CA ALA A 56 -11.75 -9.75 1.40
C ALA A 56 -10.69 -8.74 1.86
N ARG A 57 -9.65 -9.24 2.54
CA ARG A 57 -8.55 -8.40 3.01
C ARG A 57 -7.85 -7.69 1.85
N ASP A 58 -7.74 -8.38 0.72
CA ASP A 58 -7.03 -7.81 -0.43
C ASP A 58 -7.97 -6.95 -1.29
N GLY A 59 -9.25 -6.89 -0.92
CA GLY A 59 -10.18 -6.00 -1.57
C GLY A 59 -10.98 -6.56 -2.74
N TRP A 60 -10.88 -7.87 -2.96
CA TRP A 60 -11.63 -8.51 -4.03
C TRP A 60 -13.10 -8.65 -3.65
N LEU A 61 -13.34 -8.85 -2.36
CA LEU A 61 -14.69 -9.10 -1.87
C LEU A 61 -15.01 -8.22 -0.67
N THR A 62 -16.30 -7.99 -0.45
CA THR A 62 -16.76 -7.39 0.79
C THR A 62 -17.52 -8.42 1.60
N ILE A 63 -17.01 -8.75 2.78
CA ILE A 63 -17.70 -9.69 3.67
C ILE A 63 -18.19 -8.94 4.90
N GLN A 64 -19.50 -8.96 5.10
CA GLN A 64 -20.12 -8.31 6.25
C GLN A 64 -21.11 -9.30 6.86
N HIS A 65 -21.16 -9.32 8.19
CA HIS A 65 -21.87 -10.35 8.98
C HIS A 65 -23.23 -10.81 8.47
N GLY A 66 -24.21 -9.92 8.51
CA GLY A 66 -25.57 -10.27 8.10
C GLY A 66 -25.67 -10.45 6.61
N LYS A 67 -25.12 -9.49 5.87
CA LYS A 67 -25.25 -9.41 4.42
C LYS A 67 -24.55 -10.58 3.76
N PRO A 68 -25.01 -10.97 2.55
CA PRO A 68 -24.29 -11.96 1.74
C PRO A 68 -23.04 -11.35 1.09
N THR A 69 -22.07 -12.19 0.73
CA THR A 69 -20.79 -11.71 0.21
C THR A 69 -20.87 -11.14 -1.22
N LYS A 70 -20.44 -9.89 -1.39
CA LYS A 70 -20.39 -9.28 -2.73
C LYS A 70 -18.99 -9.14 -3.32
N VAL A 71 -18.93 -9.23 -4.66
CA VAL A 71 -17.70 -9.00 -5.40
C VAL A 71 -17.54 -7.51 -5.68
N ASN A 72 -16.43 -6.94 -5.21
CA ASN A 72 -16.17 -5.51 -5.36
C ASN A 72 -15.80 -5.07 -6.76
N GLN A 73 -16.07 -3.80 -7.06
CA GLN A 73 -15.38 -3.16 -8.17
C GLN A 73 -13.94 -3.03 -7.71
N PHE A 74 -13.11 -4.00 -8.07
CA PHE A 74 -11.72 -3.98 -7.66
C PHE A 74 -11.08 -2.80 -8.36
N MET A 75 -9.98 -2.31 -7.79
CA MET A 75 -9.32 -1.03 -8.12
C MET A 75 -10.01 0.11 -7.38
N GLU A 76 -11.25 -0.07 -6.98
CA GLU A 76 -11.89 0.93 -6.12
C GLU A 76 -11.56 0.66 -4.64
N THR A 77 -11.25 -0.60 -4.31
CA THR A 77 -10.96 -0.98 -2.94
C THR A 77 -9.59 -1.67 -2.70
N SER A 78 -9.10 -2.44 -3.67
CA SER A 78 -7.80 -3.11 -3.54
C SER A 78 -6.63 -2.14 -3.44
N GLY A 79 -5.60 -2.51 -2.67
CA GLY A 79 -4.38 -1.73 -2.55
C GLY A 79 -3.31 -1.96 -3.63
N LEU A 80 -2.10 -1.47 -3.37
CA LEU A 80 -0.97 -1.54 -4.31
C LEU A 80 -0.62 -2.92 -4.84
N HIS A 81 -0.82 -3.95 -4.04
CA HIS A 81 -0.50 -5.32 -4.42
C HIS A 81 -1.16 -5.77 -5.73
N ILE A 82 -2.27 -5.14 -6.09
CA ILE A 82 -3.06 -5.60 -7.23
C ILE A 82 -2.37 -5.38 -8.60
N LEU A 83 -1.42 -4.45 -8.66
CA LEU A 83 -0.79 -4.15 -9.94
C LEU A 83 0.01 -5.32 -10.53
N ASP A 84 0.76 -6.00 -9.68
CA ASP A 84 1.53 -7.16 -10.13
C ASP A 84 0.59 -8.30 -10.54
N THR A 85 -0.50 -8.46 -9.80
CA THR A 85 -1.51 -9.45 -10.13
C THR A 85 -2.21 -9.16 -11.46
N LEU A 86 -2.52 -7.89 -11.70
CA LEU A 86 -3.25 -7.50 -12.90
C LEU A 86 -2.39 -7.62 -14.15
N MET A 87 -1.08 -7.46 -13.96
CA MET A 87 -0.11 -7.64 -15.03
C MET A 87 -0.12 -9.06 -15.56
N THR A 88 -0.16 -10.03 -14.65
CA THR A 88 -0.30 -11.44 -15.00
C THR A 88 -1.65 -11.72 -15.67
N LEU A 89 -2.72 -11.17 -15.12
CA LEU A 89 -4.05 -11.42 -15.66
C LEU A 89 -4.22 -10.84 -17.08
N ASP A 90 -3.56 -9.72 -17.36
CA ASP A 90 -3.56 -9.16 -18.71
C ASP A 90 -2.23 -8.54 -19.16
N ALA A 91 -1.37 -9.36 -19.76
CA ALA A 91 -0.02 -8.94 -20.09
C ALA A 91 0.01 -7.76 -21.07
N GLU A 92 -1.06 -7.56 -21.81
CA GLU A 92 -1.14 -6.46 -22.77
C GLU A 92 -1.10 -5.09 -22.10
N ASN A 93 -1.43 -5.02 -20.81
CA ASN A 93 -1.36 -3.75 -20.10
C ASN A 93 -0.11 -3.68 -19.24
N ALA A 94 0.84 -4.57 -19.49
CA ALA A 94 2.09 -4.58 -18.72
C ALA A 94 2.89 -3.29 -18.81
N THR A 95 2.99 -2.72 -20.00
CA THR A 95 3.80 -1.52 -20.19
C THR A 95 3.24 -0.27 -19.52
N SER A 96 1.92 -0.11 -19.54
CA SER A 96 1.29 1.03 -18.84
C SER A 96 1.44 0.91 -17.32
N ILE A 97 1.40 -0.32 -16.81
CA ILE A 97 1.59 -0.56 -15.38
C ILE A 97 3.01 -0.26 -14.91
N VAL A 98 4.00 -0.72 -15.67
CA VAL A 98 5.40 -0.44 -15.36
C VAL A 98 5.69 1.05 -15.37
N GLU A 99 5.13 1.73 -16.36
CA GLU A 99 5.33 3.17 -16.52
C GLU A 99 4.69 3.99 -15.39
N ASP A 100 3.56 3.52 -14.87
CA ASP A 100 2.99 4.11 -13.67
C ASP A 100 3.97 3.98 -12.50
N LEU A 101 4.57 2.79 -12.36
CA LEU A 101 5.59 2.55 -11.33
C LEU A 101 6.77 3.50 -11.45
N LEU A 102 7.34 3.56 -12.65
CA LEU A 102 8.49 4.42 -12.93
C LEU A 102 8.17 5.89 -12.66
N ALA A 103 7.03 6.35 -13.14
CA ALA A 103 6.64 7.74 -12.98
C ALA A 103 6.34 8.09 -11.52
N ALA A 104 5.74 7.16 -10.79
CA ALA A 104 5.46 7.36 -9.38
C ALA A 104 6.74 7.44 -8.53
N ARG A 105 7.67 6.52 -8.78
CA ARG A 105 8.96 6.55 -8.11
C ARG A 105 9.66 7.88 -8.38
N THR A 106 9.66 8.30 -9.63
CA THR A 106 10.33 9.55 -10.01
C THR A 106 9.68 10.78 -9.36
N ASN A 107 8.36 10.78 -9.25
CA ASN A 107 7.67 11.90 -8.64
C ASN A 107 7.70 11.98 -7.12
N ILE A 108 7.76 10.84 -6.43
CA ILE A 108 7.71 10.86 -4.97
C ILE A 108 9.09 10.80 -4.31
N SER A 109 10.06 10.24 -5.01
CA SER A 109 11.45 10.18 -4.52
C SER A 109 12.04 11.53 -4.04
N PRO A 110 11.83 12.62 -4.79
CA PRO A 110 12.40 13.88 -4.29
C PRO A 110 11.80 14.35 -2.98
N ILE A 111 10.58 13.91 -2.67
CA ILE A 111 9.95 14.23 -1.39
C ILE A 111 10.61 13.45 -0.25
N PHE A 112 10.54 12.13 -0.29
CA PHE A 112 11.04 11.34 0.85
C PHE A 112 12.57 11.39 1.00
N MET A 113 13.28 11.57 -0.11
CA MET A 113 14.73 11.67 -0.02
C MET A 113 15.14 13.01 0.60
N ARG A 114 14.38 14.07 0.34
CA ARG A 114 14.66 15.35 0.97
C ARG A 114 14.49 15.25 2.48
N TYR A 115 13.42 14.61 2.92
CA TYR A 115 13.19 14.37 4.34
C TYR A 115 14.30 13.50 4.94
N ALA A 116 14.69 12.45 4.22
CA ALA A 116 15.70 11.53 4.71
C ALA A 116 17.05 12.21 4.92
N PHE A 117 17.46 13.01 3.94
CA PHE A 117 18.75 13.70 4.02
C PHE A 117 18.75 14.75 5.14
N LYS A 118 17.57 15.29 5.44
CA LYS A 118 17.43 16.32 6.47
C LYS A 118 17.36 15.74 7.88
N LEU A 119 16.53 14.71 8.06
CA LEU A 119 16.22 14.19 9.39
C LEU A 119 17.08 12.99 9.79
N ASN A 120 17.60 12.28 8.80
CA ASN A 120 18.36 11.06 9.07
C ASN A 120 19.59 10.95 8.18
N LYS A 121 20.36 12.05 8.17
CA LYS A 121 21.50 12.23 7.28
C LYS A 121 22.53 11.11 7.36
N GLU A 122 22.91 10.73 8.58
CA GLU A 122 23.94 9.70 8.75
C GLU A 122 23.46 8.34 8.25
N SER A 123 22.24 7.96 8.60
CA SER A 123 21.68 6.68 8.17
C SER A 123 21.45 6.63 6.66
N ALA A 124 21.02 7.75 6.09
CA ALA A 124 20.81 7.83 4.64
C ALA A 124 22.11 7.62 3.87
N GLU A 125 23.18 8.28 4.30
CA GLU A 125 24.49 8.13 3.69
C GLU A 125 25.05 6.72 3.87
N ARG A 126 24.85 6.13 5.04
CA ARG A 126 25.27 4.75 5.29
C ARG A 126 24.59 3.78 4.33
N ILE A 127 23.28 3.96 4.13
CA ILE A 127 22.54 3.18 3.15
C ILE A 127 23.12 3.32 1.74
N MET A 128 23.30 4.56 1.29
CA MET A 128 23.77 4.84 -0.06
C MET A 128 25.18 4.28 -0.29
N ILE A 129 26.07 4.49 0.67
CA ILE A 129 27.42 3.95 0.59
C ILE A 129 27.40 2.42 0.49
N ASN A 130 26.57 1.77 1.30
CA ASN A 130 26.46 0.32 1.25
C ASN A 130 25.93 -0.15 -0.11
N VAL A 131 24.96 0.58 -0.65
CA VAL A 131 24.39 0.25 -1.95
C VAL A 131 25.40 0.41 -3.08
N ILE A 132 26.08 1.54 -3.12
CA ILE A 132 27.08 1.81 -4.16
C ILE A 132 28.20 0.77 -4.20
N GLU A 133 28.84 0.56 -3.04
CA GLU A 133 29.96 -0.36 -2.94
C GLU A 133 29.55 -1.81 -3.20
N SER A 134 28.38 -2.19 -2.70
CA SER A 134 27.84 -3.54 -2.96
C SER A 134 27.65 -3.77 -4.45
N CYS A 135 27.06 -2.79 -5.13
CA CYS A 135 26.79 -2.90 -6.57
C CYS A 135 28.09 -2.96 -7.34
N GLU A 136 29.05 -2.12 -6.95
CA GLU A 136 30.38 -2.12 -7.54
C GLU A 136 31.08 -3.47 -7.37
N ALA A 137 30.98 -4.02 -6.17
CA ALA A 137 31.57 -5.34 -5.90
C ALA A 137 30.85 -6.43 -6.68
N LEU A 138 29.53 -6.27 -6.83
CA LEU A 138 28.72 -7.23 -7.58
C LEU A 138 29.17 -7.39 -9.04
N VAL A 139 29.25 -6.28 -9.77
CA VAL A 139 29.58 -6.33 -11.19
C VAL A 139 31.07 -6.52 -11.50
N ASN A 140 31.93 -6.26 -10.52
CA ASN A 140 33.38 -6.42 -10.70
C ASN A 140 33.89 -7.77 -10.20
N ALA A 141 33.01 -8.53 -9.56
CA ALA A 141 33.33 -9.88 -9.12
C ALA A 141 33.47 -10.77 -10.36
N PRO A 142 34.21 -11.88 -10.23
CA PRO A 142 34.34 -12.78 -11.39
C PRO A 142 33.07 -13.57 -11.59
N SER A 143 32.36 -13.83 -10.50
CA SER A 143 31.11 -14.59 -10.54
C SER A 143 30.17 -14.09 -9.44
N TRP A 144 28.88 -14.21 -9.68
CA TRP A 144 27.88 -13.88 -8.66
C TRP A 144 28.17 -14.72 -7.42
N ASP A 145 28.51 -15.98 -7.66
CA ASP A 145 28.84 -16.93 -6.61
C ASP A 145 30.01 -16.47 -5.72
N ALA A 146 30.93 -15.71 -6.33
CA ALA A 146 32.08 -15.21 -5.60
C ALA A 146 31.66 -14.01 -4.74
N PHE A 147 30.94 -13.08 -5.35
CA PHE A 147 30.33 -11.97 -4.62
C PHE A 147 29.54 -12.42 -3.40
N ILE A 148 28.73 -13.46 -3.57
CA ILE A 148 27.87 -13.95 -2.51
C ILE A 148 28.66 -14.58 -1.36
N ALA A 149 29.74 -15.28 -1.68
CA ALA A 149 30.57 -15.89 -0.66
C ALA A 149 31.21 -14.82 0.22
N ALA A 150 31.43 -13.63 -0.36
CA ALA A 150 32.07 -12.54 0.36
C ALA A 150 31.13 -11.49 0.94
N SER A 151 29.90 -11.43 0.43
CA SER A 151 28.97 -10.37 0.85
C SER A 151 28.23 -10.67 2.16
N PRO A 152 28.24 -9.70 3.09
CA PRO A 152 27.49 -9.78 4.34
C PRO A 152 26.00 -9.86 4.10
N TYR A 153 25.56 -9.43 2.91
CA TYR A 153 24.14 -9.46 2.55
C TYR A 153 23.74 -10.79 1.92
N ALA A 154 24.62 -11.79 2.02
CA ALA A 154 24.40 -13.08 1.37
C ALA A 154 23.06 -13.74 1.72
N GLU A 155 22.72 -13.78 3.00
CA GLU A 155 21.54 -14.50 3.44
C GLU A 155 20.24 -13.84 2.98
N LYS A 156 20.17 -12.51 3.09
CA LYS A 156 19.00 -11.77 2.63
C LYS A 156 18.84 -11.80 1.10
N ILE A 157 19.95 -11.67 0.38
CA ILE A 157 19.93 -11.75 -1.07
C ILE A 157 19.39 -13.11 -1.51
N GLN A 158 19.97 -14.16 -0.97
CA GLN A 158 19.65 -15.54 -1.34
C GLN A 158 18.26 -15.97 -0.91
N GLN A 159 17.65 -15.22 0.02
CA GLN A 159 16.29 -15.53 0.46
C GLN A 159 15.32 -15.51 -0.71
N HIS A 160 15.55 -14.60 -1.66
CA HIS A 160 14.66 -14.47 -2.80
C HIS A 160 15.37 -14.51 -4.15
N VAL A 161 16.69 -14.53 -4.15
CA VAL A 161 17.45 -14.61 -5.41
C VAL A 161 18.23 -15.91 -5.56
N LYS A 162 17.79 -16.74 -6.52
CA LYS A 162 18.46 -17.99 -6.83
C LYS A 162 18.19 -18.35 -8.29
N GLU A 163 19.07 -19.14 -8.90
CA GLU A 163 18.87 -19.61 -10.27
C GLU A 163 19.43 -21.02 -10.45
N ASP A 164 18.57 -22.01 -10.27
CA ASP A 164 18.98 -23.40 -10.29
C ASP A 164 18.43 -24.15 -11.50
N SER A 165 17.68 -23.45 -12.35
CA SER A 165 17.11 -24.05 -13.55
C SER A 165 17.97 -23.76 -14.77
N GLU A 166 18.25 -22.48 -15.00
CA GLU A 166 19.05 -22.06 -16.14
C GLU A 166 20.46 -22.62 -16.02
N LYS A 167 20.87 -23.44 -16.99
CA LYS A 167 22.15 -24.14 -16.92
C LYS A 167 23.25 -23.45 -17.73
N ASP A 168 22.86 -22.69 -18.74
CA ASP A 168 23.82 -21.86 -19.46
C ASP A 168 24.35 -20.83 -18.48
N GLU A 169 25.62 -20.98 -18.11
CA GLU A 169 26.22 -20.17 -17.06
C GLU A 169 26.26 -18.69 -17.40
N LEU A 170 26.37 -18.38 -18.69
CA LEU A 170 26.35 -17.00 -19.13
C LEU A 170 25.00 -16.39 -18.81
N LYS A 171 23.93 -17.05 -19.24
CA LYS A 171 22.57 -16.61 -18.96
C LYS A 171 22.25 -16.62 -17.46
N ARG A 172 22.73 -17.66 -16.77
CA ARG A 172 22.56 -17.75 -15.33
C ARG A 172 23.20 -16.56 -14.62
N GLN A 173 24.42 -16.22 -15.03
CA GLN A 173 25.09 -15.04 -14.48
C GLN A 173 24.33 -13.76 -14.76
N GLU A 174 23.79 -13.65 -15.98
CA GLU A 174 23.05 -12.45 -16.36
C GLU A 174 21.82 -12.28 -15.47
N ILE A 175 21.15 -13.39 -15.17
CA ILE A 175 19.97 -13.38 -14.31
C ILE A 175 20.31 -13.03 -12.86
N LEU A 176 21.34 -13.69 -12.32
CA LEU A 176 21.72 -13.50 -10.92
C LEU A 176 22.24 -12.09 -10.65
N ILE A 177 23.01 -11.55 -11.59
CA ILE A 177 23.50 -10.18 -11.48
C ILE A 177 22.35 -9.17 -11.52
N ALA A 178 21.44 -9.36 -12.47
CA ALA A 178 20.29 -8.48 -12.61
C ALA A 178 19.44 -8.44 -11.35
N LYS A 179 19.13 -9.63 -10.82
CA LYS A 179 18.29 -9.76 -9.63
C LYS A 179 18.96 -9.23 -8.36
N THR A 180 20.28 -9.37 -8.28
CA THR A 180 21.01 -8.92 -7.10
C THR A 180 21.17 -7.39 -7.17
N PHE A 181 21.36 -6.88 -8.38
CA PHE A 181 21.39 -5.43 -8.55
C PHE A 181 20.04 -4.82 -8.17
N ASN A 182 18.95 -5.44 -8.63
CA ASN A 182 17.61 -5.04 -8.25
C ASN A 182 17.40 -5.04 -6.72
N PHE A 183 17.95 -6.05 -6.07
CA PHE A 183 17.93 -6.15 -4.62
C PHE A 183 18.47 -4.88 -3.95
N TYR A 184 19.60 -4.37 -4.46
CA TYR A 184 20.19 -3.16 -3.90
C TYR A 184 19.48 -1.88 -4.33
N ASP A 185 18.91 -1.90 -5.54
CA ASP A 185 18.12 -0.77 -6.01
C ASP A 185 16.86 -0.61 -5.15
N TYR A 186 16.17 -1.71 -4.88
CA TYR A 186 15.01 -1.66 -3.98
C TYR A 186 15.43 -1.18 -2.60
N MET A 187 16.51 -1.75 -2.07
CA MET A 187 17.07 -1.35 -0.78
C MET A 187 17.28 0.16 -0.69
N LEU A 188 17.96 0.73 -1.68
CA LEU A 188 18.22 2.17 -1.73
C LEU A 188 16.92 2.98 -1.64
N PHE A 189 15.95 2.67 -2.48
CA PHE A 189 14.71 3.44 -2.53
C PHE A 189 13.84 3.21 -1.30
N GLN A 190 13.61 1.94 -0.96
CA GLN A 190 12.74 1.61 0.18
C GLN A 190 13.28 2.10 1.52
N ARG A 191 14.58 1.91 1.76
CA ARG A 191 15.16 2.34 3.04
C ARG A 191 15.22 3.85 3.21
N LEU A 192 15.57 4.56 2.15
CA LEU A 192 15.54 6.02 2.18
C LEU A 192 14.12 6.50 2.39
N ALA A 193 13.16 5.75 1.86
CA ALA A 193 11.74 6.07 2.08
C ALA A 193 11.38 6.00 3.56
N PHE A 194 11.79 4.93 4.22
CA PHE A 194 11.51 4.78 5.65
C PHE A 194 12.30 5.79 6.47
N HIS A 195 13.49 6.14 5.98
CA HIS A 195 14.34 7.12 6.66
C HIS A 195 13.87 8.56 6.49
N SER A 196 12.76 8.75 5.79
CA SER A 196 12.16 10.06 5.64
C SER A 196 11.52 10.51 6.96
N GLY A 197 11.28 9.57 7.87
CA GLY A 197 10.56 9.86 9.10
C GLY A 197 9.07 9.63 8.95
N ASN A 198 8.63 9.32 7.73
CA ASN A 198 7.23 9.02 7.45
C ASN A 198 7.11 7.60 6.95
N GLN A 199 6.56 6.72 7.80
CA GLN A 199 6.45 5.31 7.49
C GLN A 199 5.66 5.00 6.23
N ILE A 200 4.78 5.91 5.83
CA ILE A 200 3.94 5.71 4.65
C ILE A 200 4.76 5.54 3.37
N TYR A 201 5.85 6.31 3.23
CA TYR A 201 6.66 6.23 2.02
C TYR A 201 7.31 4.85 1.85
N GLY A 202 7.81 4.29 2.95
CA GLY A 202 8.40 2.96 2.93
C GLY A 202 7.38 1.86 2.68
N LEU A 203 6.19 2.01 3.25
CA LEU A 203 5.15 1.00 3.14
C LEU A 203 4.61 0.92 1.70
N ILE A 204 4.65 2.05 1.01
CA ILE A 204 4.33 2.10 -0.42
C ILE A 204 5.22 1.18 -1.26
N PHE A 205 6.53 1.23 -1.00
CA PHE A 205 7.46 0.32 -1.69
C PHE A 205 7.25 -1.14 -1.27
N ASN A 206 6.95 -1.36 0.01
CA ASN A 206 6.66 -2.71 0.49
C ASN A 206 5.50 -3.33 -0.27
N GLY A 207 4.46 -2.54 -0.49
CA GLY A 207 3.28 -3.02 -1.21
C GLY A 207 3.56 -3.24 -2.69
N LEU A 208 4.49 -2.47 -3.24
CA LEU A 208 4.84 -2.54 -4.66
C LEU A 208 5.99 -3.49 -4.95
N LYS A 209 6.52 -4.15 -3.92
CA LYS A 209 7.80 -4.87 -4.06
C LYS A 209 7.79 -5.96 -5.14
N LYS A 210 6.71 -6.74 -5.20
CA LYS A 210 6.61 -7.79 -6.23
C LYS A 210 6.69 -7.21 -7.64
N LEU A 211 5.95 -6.14 -7.90
CA LEU A 211 6.02 -5.47 -9.19
C LEU A 211 7.40 -4.86 -9.39
N TYR A 212 7.94 -4.28 -8.32
CA TYR A 212 9.25 -3.66 -8.33
C TYR A 212 10.32 -4.68 -8.72
N ASP A 213 10.32 -5.83 -8.06
CA ASP A 213 11.26 -6.90 -8.33
C ASP A 213 11.12 -7.47 -9.75
N ARG A 214 9.87 -7.62 -10.19
CA ARG A 214 9.59 -8.09 -11.55
C ARG A 214 10.20 -7.16 -12.59
N VAL A 215 9.99 -5.86 -12.40
CA VAL A 215 10.52 -4.86 -13.33
C VAL A 215 12.05 -4.78 -13.30
N GLY A 216 12.61 -4.65 -12.09
CA GLY A 216 14.04 -4.47 -11.93
C GLY A 216 14.87 -5.65 -12.43
N SER A 217 14.36 -6.86 -12.24
CA SER A 217 15.05 -8.08 -12.68
C SER A 217 15.29 -8.14 -14.19
N TYR A 218 14.37 -7.55 -14.97
CA TYR A 218 14.57 -7.45 -16.41
C TYR A 218 15.38 -6.20 -16.74
N TYR A 219 15.03 -5.08 -16.09
CA TYR A 219 15.69 -3.80 -16.35
C TYR A 219 17.20 -3.84 -16.14
N PHE A 220 17.63 -4.44 -15.04
CA PHE A 220 19.06 -4.48 -14.72
C PHE A 220 19.82 -5.67 -15.33
N SER A 221 19.21 -6.32 -16.32
CA SER A 221 19.95 -7.27 -17.16
C SER A 221 20.80 -6.50 -18.17
N ASN A 222 20.45 -5.24 -18.37
CA ASN A 222 21.19 -4.31 -19.24
C ASN A 222 22.36 -3.68 -18.48
N PRO A 223 23.59 -3.90 -18.97
CA PRO A 223 24.79 -3.32 -18.34
C PRO A 223 24.74 -1.80 -18.28
N GLN A 224 24.21 -1.17 -19.31
CA GLN A 224 24.07 0.28 -19.35
C GLN A 224 23.12 0.81 -18.27
N ALA A 225 22.10 0.02 -17.94
CA ALA A 225 21.15 0.41 -16.91
C ALA A 225 21.77 0.36 -15.52
N ARG A 226 22.55 -0.68 -15.27
CA ARG A 226 23.31 -0.81 -14.03
C ARG A 226 24.29 0.35 -13.82
N GLU A 227 25.01 0.69 -14.89
CA GLU A 227 25.99 1.77 -14.84
C GLU A 227 25.30 3.12 -14.59
N LEU A 228 24.20 3.36 -15.30
CA LEU A 228 23.44 4.59 -15.12
C LEU A 228 22.93 4.71 -13.68
N ALA A 229 22.49 3.59 -13.12
CA ALA A 229 22.00 3.56 -11.74
C ALA A 229 23.11 3.85 -10.74
N MET A 230 24.27 3.23 -10.93
CA MET A 230 25.41 3.43 -10.04
C MET A 230 25.87 4.89 -10.04
N GLU A 231 25.84 5.53 -11.20
CA GLU A 231 26.13 6.96 -11.32
C GLU A 231 25.08 7.78 -10.58
N PHE A 232 23.83 7.36 -10.71
CA PHE A 232 22.71 8.00 -10.02
C PHE A 232 22.84 7.91 -8.51
N TYR A 233 23.22 6.74 -8.01
CA TYR A 233 23.41 6.55 -6.58
C TYR A 233 24.49 7.49 -6.04
N ARG A 234 25.58 7.63 -6.78
CA ARG A 234 26.69 8.51 -6.39
C ARG A 234 26.25 9.97 -6.37
N GLN A 235 25.36 10.33 -7.29
CA GLN A 235 24.82 11.68 -7.34
C GLN A 235 23.97 11.96 -6.10
N LEU A 236 23.14 10.99 -5.72
CA LEU A 236 22.31 11.12 -4.54
C LEU A 236 23.17 11.29 -3.30
N LEU A 237 24.21 10.46 -3.19
CA LEU A 237 25.15 10.56 -2.08
C LEU A 237 25.82 11.93 -2.01
N ALA A 238 26.24 12.45 -3.17
CA ALA A 238 26.92 13.73 -3.21
C ALA A 238 26.00 14.85 -2.78
N VAL A 239 24.72 14.74 -3.15
CA VAL A 239 23.73 15.76 -2.80
C VAL A 239 23.54 15.82 -1.29
N CYS A 240 23.45 14.65 -0.65
CA CYS A 240 23.28 14.58 0.79
C CYS A 240 24.52 15.11 1.55
N GLN A 241 25.70 14.67 1.12
CA GLN A 241 26.95 15.08 1.76
C GLN A 241 27.25 16.56 1.60
N SER A 242 27.00 17.09 0.41
CA SER A 242 27.34 18.47 0.09
C SER A 242 26.34 19.45 0.69
N GLY A 243 25.12 18.99 0.88
CA GLY A 243 24.05 19.84 1.39
C GLY A 243 23.53 20.79 0.32
N GLU A 244 23.91 20.53 -0.93
CA GLU A 244 23.39 21.32 -2.05
C GLU A 244 22.00 20.79 -2.38
N ARG A 245 21.05 21.16 -1.52
CA ARG A 245 19.68 20.66 -1.49
C ARG A 245 18.96 20.84 -2.83
N GLU A 246 19.33 21.90 -3.53
CA GLU A 246 18.71 22.26 -4.80
C GLU A 246 19.02 21.30 -5.95
N HIS A 247 20.09 20.52 -5.81
CA HIS A 247 20.47 19.57 -6.83
C HIS A 247 19.56 18.34 -6.86
N LEU A 248 18.86 18.09 -5.76
CA LEU A 248 18.09 16.86 -5.61
C LEU A 248 16.97 16.66 -6.64
N PRO A 249 16.06 17.64 -6.79
CA PRO A 249 15.05 17.47 -7.86
C PRO A 249 15.68 17.33 -9.25
N GLN A 250 16.79 18.02 -9.48
CA GLN A 250 17.48 18.00 -10.76
C GLN A 250 17.99 16.59 -11.07
N VAL A 251 18.74 16.03 -10.14
CA VAL A 251 19.31 14.69 -10.26
C VAL A 251 18.24 13.62 -10.51
N ILE A 252 17.17 13.67 -9.72
CA ILE A 252 16.10 12.69 -9.83
C ILE A 252 15.36 12.80 -11.15
N ARG A 253 15.00 14.02 -11.55
CA ARG A 253 14.34 14.27 -12.82
C ARG A 253 15.16 13.75 -14.01
N GLN A 254 16.46 14.02 -14.00
CA GLN A 254 17.32 13.57 -15.08
C GLN A 254 17.43 12.05 -15.13
N TYR A 255 17.50 11.42 -13.97
CA TYR A 255 17.52 9.96 -13.90
C TYR A 255 16.23 9.36 -14.40
N GLY A 256 15.10 9.99 -14.07
CA GLY A 256 13.82 9.55 -14.59
C GLY A 256 13.78 9.58 -16.10
N ILE A 257 14.36 10.63 -16.67
CA ILE A 257 14.42 10.79 -18.13
C ILE A 257 15.33 9.73 -18.77
N ALA A 258 16.54 9.60 -18.24
CA ALA A 258 17.52 8.68 -18.82
C ALA A 258 17.13 7.22 -18.66
N SER A 259 16.70 6.84 -17.47
CA SER A 259 16.25 5.47 -17.22
C SER A 259 15.01 5.16 -18.05
N GLY A 260 14.20 6.20 -18.27
CA GLY A 260 13.02 6.08 -19.10
C GLY A 260 13.31 5.71 -20.55
N HIS A 261 14.31 6.34 -21.14
CA HIS A 261 14.67 6.07 -22.53
C HIS A 261 15.17 4.63 -22.68
N ILE A 262 15.96 4.19 -21.71
CA ILE A 262 16.43 2.81 -21.67
C ILE A 262 15.26 1.84 -21.62
N TRP A 263 14.34 2.06 -20.69
CA TRP A 263 13.13 1.24 -20.60
C TRP A 263 12.34 1.27 -21.91
N ASN A 264 12.23 2.45 -22.51
CA ASN A 264 11.53 2.61 -23.77
C ASN A 264 12.10 1.76 -24.90
N GLN A 265 13.38 1.42 -24.80
CA GLN A 265 14.00 0.55 -25.78
C GLN A 265 13.83 -0.90 -25.32
N MET A 266 14.02 -1.13 -24.04
CA MET A 266 13.94 -2.47 -23.47
C MET A 266 12.54 -3.09 -23.52
N LYS A 267 11.50 -2.25 -23.46
CA LYS A 267 10.14 -2.75 -23.42
C LYS A 267 9.67 -3.38 -24.74
N MET A 268 10.39 -3.08 -25.82
CA MET A 268 10.10 -3.66 -27.12
C MET A 268 10.56 -5.11 -27.22
N THR A 269 11.36 -5.54 -26.25
CA THR A 269 11.85 -6.92 -26.21
C THR A 269 11.62 -7.54 -24.84
N LEU A 270 10.42 -7.33 -24.31
CA LEU A 270 9.98 -7.95 -23.06
C LEU A 270 10.12 -9.45 -23.22
N PRO A 271 10.74 -10.12 -22.23
CA PRO A 271 10.76 -11.58 -22.27
C PRO A 271 9.33 -12.09 -22.31
N SER A 272 9.10 -13.20 -23.00
CA SER A 272 7.76 -13.76 -23.13
C SER A 272 7.19 -14.15 -21.77
N ASN A 273 8.08 -14.47 -20.84
CA ASN A 273 7.73 -14.82 -19.47
C ASN A 273 7.77 -13.67 -18.46
N PHE A 274 7.78 -12.43 -18.96
CA PHE A 274 7.92 -11.24 -18.10
C PHE A 274 6.76 -11.12 -17.10
N THR A 275 5.59 -11.58 -17.51
CA THR A 275 4.35 -11.44 -16.74
C THR A 275 3.89 -12.77 -16.13
N GLU A 276 4.82 -13.68 -15.87
CA GLU A 276 4.46 -15.07 -15.55
C GLU A 276 3.83 -15.40 -14.19
N ASP A 277 4.37 -14.84 -13.10
CA ASP A 277 3.97 -15.14 -11.71
C ASP A 277 4.78 -16.34 -11.22
N ASP A 278 5.70 -16.13 -10.28
CA ASP A 278 6.63 -17.19 -9.89
C ASP A 278 6.33 -17.94 -8.59
N CYS A 279 5.36 -17.46 -7.81
CA CYS A 279 4.97 -18.16 -6.59
C CYS A 279 3.82 -19.17 -6.83
N VAL B 2 -6.76 -6.64 25.10
CA VAL B 2 -7.95 -7.45 24.82
C VAL B 2 -8.11 -7.66 23.32
N ILE B 3 -8.80 -8.75 22.95
CA ILE B 3 -8.98 -9.09 21.54
C ILE B 3 -10.46 -9.20 21.18
N LYS B 4 -10.85 -8.59 20.07
CA LYS B 4 -12.21 -8.75 19.54
C LYS B 4 -12.13 -9.53 18.22
N ALA B 5 -12.97 -10.56 18.07
CA ALA B 5 -12.94 -11.39 16.85
C ALA B 5 -14.21 -12.21 16.64
N LYS B 6 -14.41 -12.68 15.41
CA LYS B 6 -15.57 -13.49 15.06
C LYS B 6 -15.30 -14.99 15.00
N SER B 7 -14.07 -15.35 14.64
CA SER B 7 -13.73 -16.75 14.41
C SER B 7 -12.51 -17.17 15.24
N PRO B 8 -12.32 -18.48 15.43
CA PRO B 8 -11.13 -18.94 16.15
C PRO B 8 -9.84 -18.54 15.45
N ALA B 9 -9.86 -18.60 14.12
CA ALA B 9 -8.71 -18.17 13.34
C ALA B 9 -8.46 -16.68 13.56
N GLY B 10 -9.52 -15.89 13.51
CA GLY B 10 -9.43 -14.46 13.78
C GLY B 10 -8.88 -14.11 15.15
N PHE B 11 -9.36 -14.78 16.20
CA PHE B 11 -8.86 -14.51 17.55
C PHE B 11 -7.40 -14.92 17.70
N ALA B 12 -7.07 -16.11 17.23
CA ALA B 12 -5.73 -16.64 17.37
C ALA B 12 -4.73 -15.74 16.64
N GLU B 13 -5.16 -15.24 15.48
CA GLU B 13 -4.33 -14.36 14.67
C GLU B 13 -3.95 -13.12 15.47
N LYS B 14 -4.95 -12.49 16.08
CA LYS B 14 -4.74 -11.27 16.85
C LYS B 14 -4.03 -11.54 18.17
N TYR B 15 -4.25 -12.73 18.72
CA TYR B 15 -3.59 -13.12 19.96
C TYR B 15 -2.09 -13.22 19.73
N ILE B 16 -1.69 -13.89 18.65
CA ILE B 16 -0.28 -13.99 18.29
C ILE B 16 0.32 -12.63 17.94
N ILE B 17 -0.45 -11.78 17.27
CA ILE B 17 -0.01 -10.42 16.93
C ILE B 17 0.25 -9.63 18.21
N GLU B 18 -0.65 -9.75 19.17
CA GLU B 18 -0.48 -9.12 20.47
C GLU B 18 0.78 -9.63 21.16
N SER B 19 1.06 -10.93 20.98
CA SER B 19 2.20 -11.56 21.61
C SER B 19 3.53 -11.18 20.95
N ILE B 20 3.49 -10.88 19.66
CA ILE B 20 4.68 -10.39 18.97
C ILE B 20 4.94 -8.97 19.45
N TRP B 21 3.86 -8.22 19.61
CA TRP B 21 3.94 -6.81 19.99
C TRP B 21 4.46 -6.63 21.42
N ASN B 22 4.06 -7.51 22.32
CA ASN B 22 4.41 -7.36 23.73
C ASN B 22 5.72 -8.04 24.13
N GLY B 23 6.50 -8.48 23.15
CA GLY B 23 7.81 -9.02 23.41
C GLY B 23 7.86 -10.51 23.67
N ARG B 24 6.69 -11.12 23.80
CA ARG B 24 6.58 -12.55 24.04
C ARG B 24 7.20 -13.31 22.86
N PHE B 25 6.89 -12.86 21.65
CA PHE B 25 7.55 -13.34 20.43
C PHE B 25 8.18 -12.15 19.71
N PRO B 26 9.40 -11.75 20.13
CA PRO B 26 10.04 -10.52 19.67
C PRO B 26 10.33 -10.51 18.18
N PRO B 27 10.15 -9.35 17.52
CA PRO B 27 10.66 -9.15 16.16
C PRO B 27 12.11 -9.62 16.02
N GLY B 28 12.43 -10.34 14.95
CA GLY B 28 13.78 -10.86 14.77
C GLY B 28 13.99 -12.22 15.41
N SER B 29 13.11 -12.59 16.34
CA SER B 29 13.23 -13.86 17.05
C SER B 29 12.60 -14.99 16.24
N ILE B 30 12.88 -16.22 16.65
CA ILE B 30 12.32 -17.39 16.00
C ILE B 30 11.04 -17.87 16.68
N LEU B 31 9.99 -18.06 15.88
CA LEU B 31 8.71 -18.55 16.40
C LEU B 31 8.84 -20.04 16.70
N PRO B 32 8.35 -20.47 17.87
CA PRO B 32 8.41 -21.89 18.23
C PRO B 32 7.76 -22.77 17.17
N ALA B 33 8.17 -24.04 17.11
CA ALA B 33 7.58 -24.95 16.15
C ALA B 33 6.08 -25.04 16.42
N GLU B 34 5.31 -25.34 15.36
CA GLU B 34 3.86 -25.41 15.45
C GLU B 34 3.37 -26.35 16.55
N ARG B 35 4.10 -27.46 16.74
CA ARG B 35 3.79 -28.42 17.80
C ARG B 35 3.78 -27.74 19.16
N GLU B 36 4.84 -26.98 19.44
CA GLU B 36 4.98 -26.29 20.72
C GLU B 36 4.04 -25.10 20.81
N LEU B 37 3.92 -24.36 19.71
CA LEU B 37 3.08 -23.18 19.64
C LEU B 37 1.63 -23.54 19.93
N SER B 38 1.17 -24.67 19.39
CA SER B 38 -0.20 -25.14 19.62
C SER B 38 -0.55 -25.29 21.10
N GLU B 39 0.22 -26.11 21.81
CA GLU B 39 -0.05 -26.32 23.24
C GLU B 39 0.27 -25.11 24.12
N LEU B 40 1.30 -24.36 23.76
CA LEU B 40 1.68 -23.17 24.50
C LEU B 40 0.54 -22.14 24.59
N ILE B 41 -0.11 -21.86 23.47
CA ILE B 41 -1.18 -20.85 23.46
C ILE B 41 -2.57 -21.47 23.49
N GLY B 42 -2.66 -22.78 23.28
CA GLY B 42 -3.93 -23.48 23.39
C GLY B 42 -4.77 -23.50 22.14
N VAL B 43 -4.15 -23.31 20.98
CA VAL B 43 -4.87 -23.33 19.71
C VAL B 43 -4.54 -24.60 18.92
N THR B 44 -5.55 -25.21 18.33
CA THR B 44 -5.37 -26.45 17.56
C THR B 44 -4.39 -26.32 16.41
N ARG B 45 -3.78 -27.45 16.04
CA ARG B 45 -2.81 -27.49 14.94
C ARG B 45 -3.42 -26.97 13.65
N THR B 46 -4.68 -27.35 13.39
CA THR B 46 -5.33 -26.96 12.14
C THR B 46 -5.67 -25.48 12.07
N THR B 47 -6.13 -24.92 13.19
CA THR B 47 -6.38 -23.47 13.25
C THR B 47 -5.07 -22.71 13.21
N LEU B 48 -4.07 -23.22 13.93
CA LEU B 48 -2.75 -22.59 13.97
C LEU B 48 -2.11 -22.50 12.60
N ARG B 49 -2.23 -23.56 11.80
CA ARG B 49 -1.65 -23.58 10.46
C ARG B 49 -2.24 -22.48 9.60
N GLU B 50 -3.56 -22.33 9.69
CA GLU B 50 -4.27 -21.25 9.01
C GLU B 50 -3.84 -19.86 9.47
N VAL B 51 -3.64 -19.71 10.77
CA VAL B 51 -3.26 -18.42 11.34
C VAL B 51 -1.88 -17.98 10.89
N LEU B 52 -0.94 -18.92 10.85
CA LEU B 52 0.43 -18.62 10.47
C LEU B 52 0.54 -18.16 9.01
N GLN B 53 -0.28 -18.74 8.15
CA GLN B 53 -0.35 -18.31 6.75
C GLN B 53 -0.85 -16.86 6.63
N ARG B 54 -1.89 -16.53 7.39
CA ARG B 54 -2.40 -15.16 7.42
C ARG B 54 -1.30 -14.20 7.81
N LEU B 55 -0.59 -14.54 8.88
CA LEU B 55 0.48 -13.68 9.39
C LEU B 55 1.63 -13.55 8.40
N ALA B 56 1.89 -14.62 7.67
CA ALA B 56 2.90 -14.57 6.61
C ALA B 56 2.47 -13.64 5.48
N ARG B 57 1.23 -13.78 5.03
CA ARG B 57 0.69 -12.95 3.95
C ARG B 57 0.76 -11.48 4.27
N ASP B 58 0.50 -11.15 5.53
CA ASP B 58 0.45 -9.77 5.98
C ASP B 58 1.79 -9.21 6.46
N GLY B 59 2.81 -10.06 6.47
CA GLY B 59 4.16 -9.60 6.77
C GLY B 59 4.63 -9.67 8.21
N TRP B 60 3.85 -10.31 9.09
CA TRP B 60 4.25 -10.48 10.48
C TRP B 60 5.33 -11.53 10.65
N LEU B 61 5.27 -12.57 9.82
CA LEU B 61 6.19 -13.69 9.92
C LEU B 61 6.78 -14.00 8.54
N THR B 62 7.94 -14.63 8.54
CA THR B 62 8.50 -15.21 7.31
C THR B 62 8.50 -16.74 7.44
N ILE B 63 7.81 -17.40 6.51
CA ILE B 63 7.72 -18.86 6.51
C ILE B 63 8.45 -19.49 5.32
N GLN B 64 9.42 -20.36 5.63
CA GLN B 64 10.22 -21.04 4.61
C GLN B 64 10.25 -22.52 4.90
N HIS B 65 10.18 -23.32 3.84
CA HIS B 65 10.11 -24.78 3.97
C HIS B 65 11.06 -25.42 4.98
N GLY B 66 12.36 -25.38 4.67
CA GLY B 66 13.35 -26.00 5.53
C GLY B 66 13.57 -25.24 6.82
N LYS B 67 13.82 -23.94 6.71
CA LYS B 67 14.15 -23.12 7.86
C LYS B 67 12.96 -22.94 8.81
N PRO B 68 13.24 -22.62 10.08
CA PRO B 68 12.17 -22.28 11.02
C PRO B 68 11.51 -20.92 10.76
N THR B 69 10.29 -20.75 11.27
CA THR B 69 9.52 -19.54 11.03
C THR B 69 10.09 -18.36 11.81
N LYS B 70 10.37 -17.26 11.12
CA LYS B 70 10.92 -16.07 11.76
C LYS B 70 9.87 -15.00 11.96
N VAL B 71 9.99 -14.25 13.06
CA VAL B 71 9.17 -13.07 13.28
C VAL B 71 9.93 -11.93 12.60
N ASN B 72 9.25 -11.25 11.67
CA ASN B 72 9.93 -10.20 10.89
C ASN B 72 10.22 -8.99 11.77
N GLN B 73 11.22 -8.21 11.37
CA GLN B 73 11.41 -6.88 11.94
C GLN B 73 10.18 -6.11 11.49
N PHE B 74 9.71 -5.18 12.31
CA PHE B 74 8.44 -4.53 12.00
C PHE B 74 8.62 -3.72 10.73
N MET B 75 7.58 -3.65 9.91
CA MET B 75 7.65 -2.83 8.69
C MET B 75 8.64 -3.35 7.65
N GLU B 76 9.11 -4.59 7.80
CA GLU B 76 10.05 -5.13 6.83
C GLU B 76 9.40 -5.54 5.51
N THR B 77 8.17 -6.05 5.57
CA THR B 77 7.46 -6.50 4.39
C THR B 77 6.03 -6.01 4.29
N SER B 78 5.42 -5.76 5.44
CA SER B 78 4.02 -5.39 5.51
C SER B 78 3.69 -4.16 4.66
N GLY B 79 2.50 -4.16 4.07
CA GLY B 79 2.02 -3.03 3.31
C GLY B 79 1.34 -1.98 4.18
N LEU B 80 0.66 -1.05 3.52
CA LEU B 80 -0.02 0.09 4.15
C LEU B 80 -1.06 -0.32 5.20
N HIS B 81 -1.68 -1.48 5.00
CA HIS B 81 -2.69 -2.01 5.91
C HIS B 81 -2.22 -2.10 7.38
N ILE B 82 -0.92 -2.17 7.61
CA ILE B 82 -0.41 -2.38 8.95
C ILE B 82 -0.63 -1.19 9.88
N LEU B 83 -0.82 0.00 9.29
CA LEU B 83 -0.95 1.22 10.09
C LEU B 83 -2.21 1.23 10.94
N ASP B 84 -3.33 0.84 10.37
CA ASP B 84 -4.58 0.82 11.11
C ASP B 84 -4.54 -0.23 12.22
N THR B 85 -3.89 -1.35 11.94
CA THR B 85 -3.70 -2.39 12.93
C THR B 85 -2.88 -1.86 14.10
N LEU B 86 -1.86 -1.05 13.79
CA LEU B 86 -0.96 -0.47 14.78
C LEU B 86 -1.66 0.61 15.61
N MET B 87 -2.68 1.24 15.04
CA MET B 87 -3.47 2.22 15.79
C MET B 87 -4.07 1.58 17.03
N THR B 88 -4.61 0.38 16.89
CA THR B 88 -5.06 -0.40 18.04
C THR B 88 -3.92 -0.89 18.95
N LEU B 89 -2.90 -1.47 18.34
CA LEU B 89 -1.76 -2.02 19.09
C LEU B 89 -0.88 -1.00 19.79
N ASP B 90 -0.80 0.21 19.25
CA ASP B 90 0.02 1.25 19.86
C ASP B 90 -0.80 2.52 19.89
N ALA B 91 -1.74 2.55 20.84
CA ALA B 91 -2.69 3.64 20.93
C ALA B 91 -2.03 4.92 21.42
N GLU B 92 -0.95 4.75 22.18
CA GLU B 92 -0.21 5.87 22.72
C GLU B 92 0.51 6.68 21.64
N ASN B 93 0.84 6.00 20.54
CA ASN B 93 1.50 6.65 19.40
C ASN B 93 0.59 6.80 18.19
N ALA B 94 -0.71 6.76 18.42
CA ALA B 94 -1.68 6.91 17.35
C ALA B 94 -1.47 8.22 16.59
N THR B 95 -1.12 9.28 17.30
CA THR B 95 -0.96 10.58 16.67
C THR B 95 0.19 10.67 15.66
N SER B 96 1.29 9.96 15.92
CA SER B 96 2.39 9.93 14.95
C SER B 96 1.96 9.25 13.64
N ILE B 97 1.09 8.26 13.74
CA ILE B 97 0.54 7.62 12.55
C ILE B 97 -0.37 8.61 11.80
N VAL B 98 -1.23 9.29 12.54
CA VAL B 98 -2.11 10.31 11.96
C VAL B 98 -1.31 11.42 11.29
N GLU B 99 -0.23 11.84 11.95
CA GLU B 99 0.62 12.90 11.42
C GLU B 99 1.34 12.47 10.15
N ASP B 100 1.74 11.20 10.08
CA ASP B 100 2.28 10.63 8.86
C ASP B 100 1.28 10.69 7.71
N LEU B 101 0.04 10.32 8.00
CA LEU B 101 -1.03 10.37 7.00
C LEU B 101 -1.24 11.77 6.45
N LEU B 102 -1.40 12.74 7.35
CA LEU B 102 -1.60 14.13 6.96
C LEU B 102 -0.45 14.66 6.12
N ALA B 103 0.78 14.39 6.55
CA ALA B 103 1.96 14.85 5.85
C ALA B 103 2.12 14.17 4.49
N ALA B 104 1.81 12.87 4.43
CA ALA B 104 1.89 12.13 3.16
C ALA B 104 0.88 12.65 2.15
N ARG B 105 -0.35 12.86 2.60
CA ARG B 105 -1.40 13.45 1.77
C ARG B 105 -1.04 14.83 1.25
N THR B 106 -0.53 15.68 2.15
CA THR B 106 -0.15 17.05 1.81
C THR B 106 0.99 17.13 0.79
N ASN B 107 1.95 16.21 0.90
CA ASN B 107 3.09 16.19 -0.01
C ASN B 107 2.86 15.60 -1.40
N ILE B 108 1.94 14.63 -1.53
CA ILE B 108 1.74 13.99 -2.83
C ILE B 108 0.57 14.60 -3.59
N SER B 109 -0.36 15.22 -2.86
CA SER B 109 -1.49 15.94 -3.48
C SER B 109 -1.12 16.91 -4.59
N PRO B 110 -0.07 17.75 -4.41
CA PRO B 110 0.27 18.68 -5.49
C PRO B 110 0.71 17.95 -6.75
N ILE B 111 1.22 16.74 -6.61
CA ILE B 111 1.61 15.92 -7.75
C ILE B 111 0.39 15.36 -8.49
N PHE B 112 -0.42 14.54 -7.82
CA PHE B 112 -1.53 13.90 -8.52
C PHE B 112 -2.65 14.86 -8.94
N MET B 113 -2.84 15.94 -8.19
CA MET B 113 -3.84 16.93 -8.57
C MET B 113 -3.42 17.76 -9.78
N ARG B 114 -2.12 18.01 -9.91
CA ARG B 114 -1.59 18.72 -11.08
C ARG B 114 -1.85 17.90 -12.34
N TYR B 115 -1.57 16.60 -12.27
CA TYR B 115 -1.84 15.70 -13.39
C TYR B 115 -3.33 15.63 -13.72
N ALA B 116 -4.15 15.53 -12.68
CA ALA B 116 -5.60 15.41 -12.85
C ALA B 116 -6.22 16.64 -13.50
N PHE B 117 -5.82 17.83 -13.01
CA PHE B 117 -6.38 19.07 -13.52
C PHE B 117 -6.00 19.28 -14.98
N LYS B 118 -4.86 18.75 -15.39
CA LYS B 118 -4.39 18.89 -16.76
C LYS B 118 -5.01 17.87 -17.72
N LEU B 119 -5.03 16.59 -17.30
CA LEU B 119 -5.37 15.50 -18.21
C LEU B 119 -6.84 15.10 -18.19
N ASN B 120 -7.53 15.40 -17.11
CA ASN B 120 -8.93 15.03 -16.96
C ASN B 120 -9.68 16.19 -16.29
N LYS B 121 -9.47 17.38 -16.85
CA LYS B 121 -9.93 18.65 -16.27
C LYS B 121 -11.43 18.69 -15.98
N GLU B 122 -12.24 18.35 -16.97
CA GLU B 122 -13.69 18.45 -16.82
C GLU B 122 -14.19 17.45 -15.80
N SER B 123 -13.67 16.22 -15.89
CA SER B 123 -14.07 15.15 -14.99
C SER B 123 -13.64 15.46 -13.55
N ALA B 124 -12.46 16.05 -13.42
CA ALA B 124 -11.95 16.45 -12.10
C ALA B 124 -12.85 17.51 -11.46
N GLU B 125 -13.25 18.50 -12.25
CA GLU B 125 -14.14 19.55 -11.76
C GLU B 125 -15.48 18.98 -11.33
N ARG B 126 -15.99 18.02 -12.10
CA ARG B 126 -17.22 17.32 -11.74
C ARG B 126 -17.11 16.58 -10.40
N ILE B 127 -15.99 15.91 -10.19
CA ILE B 127 -15.71 15.28 -8.90
C ILE B 127 -15.78 16.32 -7.79
N MET B 128 -15.04 17.41 -7.96
CA MET B 128 -14.96 18.47 -6.96
C MET B 128 -16.31 19.16 -6.71
N ILE B 129 -17.01 19.48 -7.80
CA ILE B 129 -18.34 20.09 -7.70
C ILE B 129 -19.31 19.22 -6.92
N ASN B 130 -19.34 17.92 -7.24
CA ASN B 130 -20.23 17.01 -6.53
C ASN B 130 -19.90 16.88 -5.04
N VAL B 131 -18.62 16.87 -4.71
CA VAL B 131 -18.19 16.81 -3.32
C VAL B 131 -18.59 18.09 -2.56
N ILE B 132 -18.30 19.25 -3.15
CA ILE B 132 -18.66 20.52 -2.52
C ILE B 132 -20.16 20.62 -2.27
N GLU B 133 -20.96 20.35 -3.30
CA GLU B 133 -22.41 20.45 -3.19
C GLU B 133 -22.99 19.42 -2.23
N SER B 134 -22.43 18.21 -2.25
CA SER B 134 -22.84 17.17 -1.33
C SER B 134 -22.55 17.55 0.13
N CYS B 135 -21.36 18.08 0.38
CA CYS B 135 -20.97 18.47 1.73
C CYS B 135 -21.80 19.63 2.27
N GLU B 136 -22.05 20.63 1.42
CA GLU B 136 -22.91 21.76 1.79
C GLU B 136 -24.33 21.30 2.14
N ALA B 137 -24.89 20.40 1.35
CA ALA B 137 -26.21 19.86 1.64
C ALA B 137 -26.21 18.97 2.88
N LEU B 138 -25.13 18.22 3.09
CA LEU B 138 -24.99 17.35 4.25
C LEU B 138 -25.08 18.12 5.56
N VAL B 139 -24.25 19.17 5.68
CA VAL B 139 -24.18 19.94 6.92
C VAL B 139 -25.37 20.88 7.09
N ASN B 140 -26.09 21.13 6.01
CA ASN B 140 -27.27 21.97 6.08
C ASN B 140 -28.58 21.19 6.19
N ALA B 141 -28.53 19.87 6.01
CA ALA B 141 -29.73 19.04 6.18
C ALA B 141 -30.15 18.90 7.64
N PRO B 142 -31.48 18.78 7.89
CA PRO B 142 -32.08 18.52 9.19
C PRO B 142 -32.12 17.05 9.58
N SER B 143 -32.17 16.14 8.62
CA SER B 143 -32.29 14.73 8.94
C SER B 143 -31.41 13.93 7.97
N TRP B 144 -30.42 13.25 8.54
CA TRP B 144 -29.48 12.44 7.77
C TRP B 144 -30.18 11.34 7.00
N ASP B 145 -31.10 10.62 7.66
CA ASP B 145 -31.83 9.53 7.01
C ASP B 145 -32.59 9.96 5.76
N ALA B 146 -33.05 11.20 5.76
CA ALA B 146 -33.76 11.75 4.61
C ALA B 146 -32.75 12.17 3.54
N PHE B 147 -31.73 12.92 3.96
CA PHE B 147 -30.63 13.32 3.08
C PHE B 147 -30.05 12.17 2.25
N ILE B 148 -29.79 11.04 2.91
CA ILE B 148 -29.25 9.87 2.22
C ILE B 148 -30.27 9.24 1.30
N ALA B 149 -31.54 9.27 1.71
CA ALA B 149 -32.62 8.71 0.92
C ALA B 149 -32.74 9.45 -0.42
N ALA B 150 -32.32 10.71 -0.43
CA ALA B 150 -32.38 11.53 -1.63
C ALA B 150 -31.05 11.54 -2.40
N SER B 151 -29.98 11.09 -1.74
CA SER B 151 -28.65 11.14 -2.33
C SER B 151 -28.39 9.96 -3.27
N PRO B 152 -27.84 10.25 -4.46
CA PRO B 152 -27.48 9.20 -5.43
C PRO B 152 -26.40 8.25 -4.89
N TYR B 153 -25.63 8.69 -3.90
CA TYR B 153 -24.59 7.87 -3.30
C TYR B 153 -25.12 7.05 -2.12
N ALA B 154 -26.43 6.95 -2.01
CA ALA B 154 -27.09 6.34 -0.85
C ALA B 154 -26.57 4.94 -0.48
N GLU B 155 -26.45 4.07 -1.47
CA GLU B 155 -26.08 2.68 -1.20
C GLU B 155 -24.63 2.54 -0.75
N LYS B 156 -23.74 3.26 -1.43
CA LYS B 156 -22.32 3.22 -1.09
C LYS B 156 -22.06 3.82 0.28
N ILE B 157 -22.74 4.93 0.58
CA ILE B 157 -22.64 5.56 1.89
C ILE B 157 -23.08 4.61 2.99
N GLN B 158 -24.29 4.08 2.85
CA GLN B 158 -24.86 3.22 3.88
C GLN B 158 -24.16 1.87 3.99
N GLN B 159 -23.41 1.49 2.95
CA GLN B 159 -22.66 0.24 2.94
C GLN B 159 -21.65 0.18 4.10
N HIS B 160 -21.05 1.33 4.40
CA HIS B 160 -20.04 1.41 5.46
C HIS B 160 -20.33 2.48 6.50
N VAL B 161 -21.37 3.28 6.28
CA VAL B 161 -21.77 4.27 7.26
C VAL B 161 -23.13 3.89 7.84
N LYS B 162 -23.13 3.55 9.11
CA LYS B 162 -24.35 3.18 9.82
C LYS B 162 -24.21 3.54 11.29
N GLU B 163 -25.35 3.77 11.95
CA GLU B 163 -25.38 3.99 13.39
C GLU B 163 -26.71 3.50 13.92
N ASP B 164 -26.72 2.23 14.32
CA ASP B 164 -27.94 1.56 14.71
C ASP B 164 -27.89 1.27 16.20
N SER B 165 -26.81 1.70 16.83
CA SER B 165 -26.58 1.52 18.26
C SER B 165 -27.01 2.75 19.04
N GLU B 166 -26.53 3.91 18.60
CA GLU B 166 -26.81 5.17 19.29
C GLU B 166 -28.31 5.49 19.28
N LYS B 167 -28.88 5.61 20.48
CA LYS B 167 -30.32 5.79 20.61
C LYS B 167 -30.69 7.25 20.78
N ASP B 168 -29.75 8.05 21.31
CA ASP B 168 -29.88 9.50 21.31
C ASP B 168 -29.79 9.99 19.86
N GLU B 169 -30.90 10.48 19.31
CA GLU B 169 -30.92 10.84 17.90
C GLU B 169 -30.01 12.02 17.55
N LEU B 170 -29.83 12.93 18.50
CA LEU B 170 -28.95 14.07 18.30
C LEU B 170 -27.49 13.60 18.13
N LYS B 171 -27.03 12.76 19.06
CA LYS B 171 -25.68 12.22 19.01
C LYS B 171 -25.51 11.41 17.73
N ARG B 172 -26.55 10.66 17.39
CA ARG B 172 -26.56 9.86 16.17
C ARG B 172 -26.35 10.70 14.93
N GLN B 173 -27.02 11.85 14.86
CA GLN B 173 -26.87 12.76 13.73
C GLN B 173 -25.42 13.25 13.63
N GLU B 174 -24.83 13.59 14.78
CA GLU B 174 -23.46 14.08 14.82
C GLU B 174 -22.43 13.05 14.33
N ILE B 175 -22.64 11.78 14.67
CA ILE B 175 -21.76 10.71 14.22
C ILE B 175 -21.87 10.54 12.71
N LEU B 176 -23.11 10.50 12.23
CA LEU B 176 -23.39 10.28 10.82
C LEU B 176 -22.92 11.42 9.93
N ILE B 177 -23.06 12.66 10.42
CA ILE B 177 -22.55 13.82 9.68
C ILE B 177 -21.03 13.71 9.52
N ALA B 178 -20.36 13.40 10.61
CA ALA B 178 -18.90 13.26 10.61
C ALA B 178 -18.43 12.17 9.65
N LYS B 179 -19.03 10.99 9.73
CA LYS B 179 -18.65 9.86 8.90
C LYS B 179 -18.97 10.09 7.42
N THR B 180 -20.05 10.80 7.16
CA THR B 180 -20.49 11.07 5.80
C THR B 180 -19.64 12.16 5.15
N PHE B 181 -19.27 13.17 5.94
CA PHE B 181 -18.34 14.18 5.44
C PHE B 181 -17.02 13.51 5.08
N ASN B 182 -16.54 12.64 5.97
CA ASN B 182 -15.33 11.88 5.70
C ASN B 182 -15.43 11.08 4.41
N PHE B 183 -16.58 10.47 4.18
CA PHE B 183 -16.87 9.76 2.95
C PHE B 183 -16.61 10.61 1.71
N TYR B 184 -17.08 11.85 1.72
CA TYR B 184 -16.89 12.74 0.58
C TYR B 184 -15.45 13.28 0.50
N ASP B 185 -14.81 13.46 1.65
CA ASP B 185 -13.42 13.87 1.69
C ASP B 185 -12.50 12.79 1.08
N TYR B 186 -12.72 11.54 1.45
CA TYR B 186 -11.97 10.44 0.86
C TYR B 186 -12.22 10.39 -0.64
N MET B 187 -13.49 10.47 -1.01
CA MET B 187 -13.87 10.51 -2.42
C MET B 187 -13.09 11.57 -3.18
N LEU B 188 -13.07 12.81 -2.69
CA LEU B 188 -12.33 13.88 -3.36
C LEU B 188 -10.86 13.51 -3.60
N PHE B 189 -10.17 13.07 -2.56
CA PHE B 189 -8.75 12.78 -2.66
C PHE B 189 -8.47 11.54 -3.53
N GLN B 190 -9.16 10.45 -3.23
CA GLN B 190 -8.97 9.20 -3.95
C GLN B 190 -9.35 9.29 -5.44
N ARG B 191 -10.48 9.93 -5.74
CA ARG B 191 -10.94 10.04 -7.13
C ARG B 191 -10.03 10.96 -7.95
N LEU B 192 -9.59 12.08 -7.34
CA LEU B 192 -8.63 12.95 -8.00
C LEU B 192 -7.30 12.25 -8.20
N ALA B 193 -6.97 11.37 -7.25
CA ALA B 193 -5.77 10.57 -7.36
C ALA B 193 -5.83 9.67 -8.60
N PHE B 194 -6.95 8.98 -8.80
CA PHE B 194 -7.11 8.12 -9.96
C PHE B 194 -7.20 8.95 -11.26
N HIS B 195 -7.72 10.16 -11.17
CA HIS B 195 -7.82 11.05 -12.32
C HIS B 195 -6.48 11.60 -12.77
N SER B 196 -5.43 11.25 -12.03
CA SER B 196 -4.08 11.67 -12.40
C SER B 196 -3.56 10.92 -13.62
N GLY B 197 -4.19 9.80 -13.94
CA GLY B 197 -3.70 8.95 -15.02
C GLY B 197 -2.71 7.91 -14.54
N ASN B 198 -2.32 7.99 -13.27
CA ASN B 198 -1.43 7.02 -12.65
C ASN B 198 -2.15 6.30 -11.52
N GLN B 199 -2.49 5.04 -11.74
CA GLN B 199 -3.25 4.27 -10.76
C GLN B 199 -2.61 4.14 -9.37
N ILE B 200 -1.29 4.30 -9.31
CA ILE B 200 -0.59 4.16 -8.03
C ILE B 200 -1.07 5.17 -6.99
N TYR B 201 -1.33 6.40 -7.42
CA TYR B 201 -1.77 7.43 -6.48
C TYR B 201 -3.12 7.09 -5.86
N GLY B 202 -4.03 6.55 -6.68
CA GLY B 202 -5.33 6.14 -6.19
C GLY B 202 -5.24 4.93 -5.28
N LEU B 203 -4.34 4.01 -5.62
CA LEU B 203 -4.19 2.77 -4.87
C LEU B 203 -3.58 2.99 -3.49
N ILE B 204 -2.76 4.03 -3.36
CA ILE B 204 -2.23 4.45 -2.07
C ILE B 204 -3.38 4.78 -1.10
N PHE B 205 -4.36 5.53 -1.58
CA PHE B 205 -5.54 5.82 -0.76
C PHE B 205 -6.36 4.58 -0.44
N ASN B 206 -6.49 3.67 -1.40
CA ASN B 206 -7.21 2.42 -1.18
C ASN B 206 -6.63 1.63 -0.01
N GLY B 207 -5.29 1.55 0.03
CA GLY B 207 -4.60 0.84 1.09
C GLY B 207 -4.68 1.54 2.43
N LEU B 208 -4.83 2.86 2.40
CA LEU B 208 -4.92 3.65 3.63
C LEU B 208 -6.35 3.87 4.11
N LYS B 209 -7.33 3.33 3.38
CA LYS B 209 -8.73 3.69 3.59
C LYS B 209 -9.25 3.42 4.99
N LYS B 210 -8.92 2.26 5.55
CA LYS B 210 -9.35 1.94 6.91
C LYS B 210 -8.81 2.96 7.92
N LEU B 211 -7.53 3.30 7.80
CA LEU B 211 -6.92 4.31 8.65
C LEU B 211 -7.56 5.68 8.39
N TYR B 212 -7.79 5.95 7.11
CA TYR B 212 -8.37 7.21 6.66
C TYR B 212 -9.75 7.43 7.28
N ASP B 213 -10.59 6.39 7.21
CA ASP B 213 -11.91 6.45 7.79
C ASP B 213 -11.91 6.61 9.31
N ARG B 214 -11.00 5.92 9.98
CA ARG B 214 -10.86 6.03 11.43
C ARG B 214 -10.54 7.47 11.84
N VAL B 215 -9.57 8.06 11.16
CA VAL B 215 -9.15 9.44 11.44
C VAL B 215 -10.25 10.44 11.11
N GLY B 216 -10.80 10.32 9.90
CA GLY B 216 -11.78 11.28 9.41
C GLY B 216 -13.07 11.30 10.21
N SER B 217 -13.51 10.14 10.65
CA SER B 217 -14.73 10.03 11.44
C SER B 217 -14.65 10.82 12.73
N TYR B 218 -13.46 10.93 13.31
CA TYR B 218 -13.24 11.79 14.45
C TYR B 218 -12.92 13.22 14.03
N TYR B 219 -12.03 13.35 13.06
CA TYR B 219 -11.60 14.68 12.59
C TYR B 219 -12.76 15.56 12.12
N PHE B 220 -13.67 14.99 11.33
CA PHE B 220 -14.80 15.78 10.81
C PHE B 220 -16.02 15.85 11.74
N SER B 221 -15.84 15.46 13.00
CA SER B 221 -16.81 15.74 14.05
C SER B 221 -16.69 17.20 14.49
N ASN B 222 -15.54 17.81 14.16
CA ASN B 222 -15.27 19.22 14.42
C ASN B 222 -15.85 20.07 13.28
N PRO B 223 -16.81 20.96 13.61
CA PRO B 223 -17.42 21.86 12.63
C PRO B 223 -16.40 22.75 11.91
N GLN B 224 -15.39 23.23 12.64
CA GLN B 224 -14.33 24.04 12.05
C GLN B 224 -13.53 23.27 11.01
N ALA B 225 -13.38 21.96 11.22
CA ALA B 225 -12.65 21.13 10.29
C ALA B 225 -13.44 20.94 9.00
N ARG B 226 -14.75 20.73 9.14
CA ARG B 226 -15.64 20.64 8.00
C ARG B 226 -15.64 21.93 7.18
N GLU B 227 -15.73 23.08 7.86
CA GLU B 227 -15.74 24.37 7.17
C GLU B 227 -14.43 24.65 6.44
N LEU B 228 -13.31 24.39 7.12
CA LEU B 228 -11.98 24.57 6.52
C LEU B 228 -11.83 23.71 5.27
N ALA B 229 -12.31 22.47 5.35
CA ALA B 229 -12.23 21.54 4.23
C ALA B 229 -13.07 21.99 3.03
N MET B 230 -14.30 22.44 3.28
CA MET B 230 -15.17 22.90 2.20
C MET B 230 -14.56 24.10 1.46
N GLU B 231 -13.95 25.00 2.21
CA GLU B 231 -13.24 26.13 1.61
C GLU B 231 -12.05 25.67 0.78
N PHE B 232 -11.33 24.67 1.29
CA PHE B 232 -10.21 24.08 0.57
C PHE B 232 -10.67 23.43 -0.73
N TYR B 233 -11.80 22.72 -0.69
CA TYR B 233 -12.35 22.11 -1.88
C TYR B 233 -12.70 23.17 -2.94
N ARG B 234 -13.28 24.28 -2.49
CA ARG B 234 -13.63 25.38 -3.38
C ARG B 234 -12.39 26.03 -4.00
N GLN B 235 -11.32 26.09 -3.22
CA GLN B 235 -10.04 26.60 -3.70
C GLN B 235 -9.45 25.69 -4.77
N LEU B 236 -9.51 24.38 -4.54
CA LEU B 236 -9.02 23.41 -5.51
C LEU B 236 -9.79 23.53 -6.83
N LEU B 237 -11.11 23.63 -6.72
CA LEU B 237 -11.96 23.76 -7.90
C LEU B 237 -11.60 24.99 -8.73
N ALA B 238 -11.37 26.12 -8.07
CA ALA B 238 -11.07 27.36 -8.77
C ALA B 238 -9.70 27.29 -9.48
N VAL B 239 -8.76 26.61 -8.85
CA VAL B 239 -7.42 26.45 -9.42
C VAL B 239 -7.46 25.61 -10.69
N CYS B 240 -8.25 24.55 -10.66
CA CYS B 240 -8.42 23.68 -11.81
C CYS B 240 -9.05 24.45 -12.96
N GLN B 241 -10.08 25.23 -12.64
CA GLN B 241 -10.81 26.01 -13.63
C GLN B 241 -9.94 27.10 -14.25
N SER B 242 -9.13 27.76 -13.42
CA SER B 242 -8.33 28.90 -13.87
C SER B 242 -7.08 28.47 -14.63
N GLY B 243 -6.56 27.29 -14.28
CA GLY B 243 -5.34 26.80 -14.89
C GLY B 243 -4.10 27.50 -14.37
N GLU B 244 -4.24 28.24 -13.27
CA GLU B 244 -3.12 28.92 -12.64
C GLU B 244 -2.31 27.93 -11.81
N ARG B 245 -1.50 27.12 -12.50
CA ARG B 245 -0.80 25.99 -11.88
C ARG B 245 0.07 26.33 -10.66
N GLU B 246 0.61 27.53 -10.60
CA GLU B 246 1.51 27.89 -9.50
C GLU B 246 0.76 28.04 -8.18
N HIS B 247 -0.53 28.30 -8.25
CA HIS B 247 -1.36 28.49 -7.05
C HIS B 247 -1.69 27.19 -6.31
N LEU B 248 -1.63 26.06 -7.01
CA LEU B 248 -2.02 24.77 -6.42
C LEU B 248 -1.16 24.36 -5.22
N PRO B 249 0.19 24.39 -5.36
CA PRO B 249 1.04 24.09 -4.20
C PRO B 249 0.77 24.99 -3.00
N GLN B 250 0.48 26.26 -3.24
CA GLN B 250 0.20 27.21 -2.17
C GLN B 250 -1.07 26.82 -1.42
N VAL B 251 -2.14 26.57 -2.17
CA VAL B 251 -3.42 26.16 -1.59
C VAL B 251 -3.28 24.87 -0.77
N ILE B 252 -2.61 23.87 -1.32
CA ILE B 252 -2.44 22.59 -0.63
C ILE B 252 -1.54 22.73 0.60
N ARG B 253 -0.39 23.39 0.44
CA ARG B 253 0.51 23.62 1.56
C ARG B 253 -0.14 24.38 2.72
N GLN B 254 -0.90 25.42 2.40
CA GLN B 254 -1.58 26.19 3.44
C GLN B 254 -2.65 25.38 4.15
N TYR B 255 -3.36 24.55 3.39
CA TYR B 255 -4.35 23.66 3.97
C TYR B 255 -3.73 22.61 4.88
N GLY B 256 -2.56 22.10 4.50
CA GLY B 256 -1.83 21.15 5.34
C GLY B 256 -1.48 21.74 6.69
N ILE B 257 -1.07 23.00 6.69
CA ILE B 257 -0.73 23.71 7.92
C ILE B 257 -1.95 23.95 8.82
N ALA B 258 -3.02 24.45 8.23
CA ALA B 258 -4.22 24.80 8.99
C ALA B 258 -4.91 23.56 9.55
N SER B 259 -5.08 22.55 8.71
CA SER B 259 -5.69 21.30 9.18
C SER B 259 -4.77 20.62 10.20
N GLY B 260 -3.47 20.78 10.03
CA GLY B 260 -2.48 20.26 10.97
C GLY B 260 -2.67 20.84 12.36
N HIS B 261 -2.87 22.16 12.43
CA HIS B 261 -3.11 22.83 13.70
C HIS B 261 -4.41 22.38 14.35
N ILE B 262 -5.46 22.19 13.54
CA ILE B 262 -6.69 21.62 14.07
C ILE B 262 -6.42 20.24 14.67
N TRP B 263 -5.74 19.38 13.92
CA TRP B 263 -5.39 18.07 14.46
C TRP B 263 -4.53 18.20 15.70
N ASN B 264 -3.61 19.16 15.70
CA ASN B 264 -2.70 19.37 16.81
C ASN B 264 -3.44 19.62 18.12
N GLN B 265 -4.67 20.13 18.02
CA GLN B 265 -5.54 20.24 19.18
C GLN B 265 -6.45 19.03 19.39
N MET B 266 -7.01 18.50 18.30
CA MET B 266 -7.93 17.38 18.42
C MET B 266 -7.24 16.12 18.98
N LYS B 267 -5.94 16.01 18.75
CA LYS B 267 -5.20 14.84 19.22
C LYS B 267 -5.09 14.84 20.74
N MET B 268 -5.26 16.01 21.35
CA MET B 268 -5.21 16.15 22.81
C MET B 268 -6.51 15.69 23.47
N THR B 269 -7.55 15.48 22.67
CA THR B 269 -8.84 15.04 23.20
C THR B 269 -9.38 13.83 22.45
N LEU B 270 -8.52 12.86 22.15
CA LEU B 270 -8.95 11.64 21.50
C LEU B 270 -10.06 10.93 22.28
N PRO B 271 -11.17 10.62 21.60
CA PRO B 271 -12.25 9.79 22.15
C PRO B 271 -11.73 8.42 22.56
N SER B 272 -12.34 7.83 23.58
CA SER B 272 -11.91 6.53 24.10
C SER B 272 -11.98 5.40 23.07
N ASN B 273 -12.90 5.50 22.12
CA ASN B 273 -13.04 4.47 21.09
C ASN B 273 -12.26 4.76 19.81
N PHE B 274 -11.36 5.74 19.83
CA PHE B 274 -10.62 6.12 18.64
C PHE B 274 -9.69 5.04 18.11
N THR B 275 -9.08 4.30 19.03
CA THR B 275 -8.09 3.30 18.63
C THR B 275 -8.67 1.91 18.79
N GLU B 276 -10.01 1.84 18.78
CA GLU B 276 -10.72 0.60 19.03
C GLU B 276 -10.75 -0.31 17.80
N ASP B 277 -10.69 -1.61 18.04
CA ASP B 277 -10.72 -2.59 16.95
C ASP B 277 -12.19 -2.77 16.57
N ASP B 278 -12.54 -2.30 15.38
CA ASP B 278 -13.92 -2.22 14.93
C ASP B 278 -14.26 -3.38 14.00
N CYS B 279 -13.96 -4.59 14.44
CA CYS B 279 -14.19 -5.78 13.64
C CYS B 279 -15.59 -6.35 13.85
#